data_1Y54
#
_entry.id   1Y54
#
_cell.length_a   44.365
_cell.length_b   82.221
_cell.length_c   96.156
_cell.angle_alpha   90.00
_cell.angle_beta   90.00
_cell.angle_gamma   90.00
#
_symmetry.space_group_name_H-M   'P 21 21 2'
#
loop_
_entity.id
_entity.type
_entity.pdbx_description
1 polymer Beta-lactamase
2 non-polymer '(7R)-6-FORMYL-7-(1-METHYL-1H-1,2,3-TRIAZOL-4-YL)-4,7-DIHYDRO-1,4-THIAZEPINE-3-CARBOXYLIC ACID'
3 water water
#
_entity_poly.entity_id   1
_entity_poly.type   'polypeptide(L)'
_entity_poly.pdbx_seq_one_letter_code
;TPVSEKQLAEVVANTITPLMKAQSVPGMAVAVIYQGKPHYYTFGKADIAANKPVTPQTLFELGSISKTFTGVLGGDAIAR
GEISLDDPVTRYWPQLTGKQWQGIRMLDLATYTAGGLPLQVPDEVTDNASLVRFYQNWQPQWKPGTTRLYANASIGLFGA
LAVKPSGMPYEQAMTTRVLKPLKLDHTWINVPKAEEAHYAWGYRDGKAVRVSPGMLDAQAYGVKTNVQDMANWVMANMAP
ENVADASLKQGIALAQSRYWRIGSMYQGLGWEMLNWPVEANTVVEGSDSKVALAPLPVVEVNPPAPPVKASWVHKTGSTG
GFGSYVAFIPEKQIGIVMLANTSYPNPARVEAAYHILEALQ
;
_entity_poly.pdbx_strand_id   A
#
# COMPACT_ATOMS: atom_id res chain seq x y z
N VAL A 3 23.14 18.00 -5.65
CA VAL A 3 21.74 17.64 -5.80
C VAL A 3 21.09 18.40 -6.96
N SER A 4 21.24 19.71 -6.93
CA SER A 4 20.71 20.65 -7.91
C SER A 4 19.25 20.99 -7.62
N GLU A 5 19.04 21.58 -6.45
CA GLU A 5 17.69 21.84 -5.93
C GLU A 5 16.86 22.69 -6.88
N LYS A 6 17.54 23.55 -7.64
CA LYS A 6 16.87 24.37 -8.63
C LYS A 6 16.35 23.47 -9.75
N GLN A 7 17.27 22.67 -10.29
CA GLN A 7 16.94 21.71 -11.33
C GLN A 7 15.91 20.69 -10.84
N LEU A 8 15.87 20.49 -9.52
CA LEU A 8 14.98 19.52 -8.91
C LEU A 8 13.56 20.06 -8.75
N ALA A 9 13.46 21.36 -8.44
CA ALA A 9 12.14 21.97 -8.37
C ALA A 9 11.59 22.16 -9.78
N GLU A 10 12.53 22.24 -10.73
CA GLU A 10 12.12 22.29 -12.13
C GLU A 10 11.56 20.95 -12.59
N VAL A 11 12.25 19.84 -12.32
CA VAL A 11 11.83 18.53 -12.80
C VAL A 11 10.44 18.16 -12.30
N VAL A 12 10.23 18.41 -11.01
CA VAL A 12 8.93 18.10 -10.42
C VAL A 12 7.84 19.03 -10.90
N ALA A 13 8.08 20.34 -10.87
CA ALA A 13 7.01 21.26 -11.30
C ALA A 13 6.59 20.97 -12.75
N ASN A 14 7.60 20.77 -13.59
CA ASN A 14 7.39 20.53 -15.01
C ASN A 14 6.78 19.17 -15.30
N THR A 15 6.80 18.28 -14.31
CA THR A 15 6.09 17.01 -14.41
C THR A 15 4.68 17.12 -13.84
N ILE A 16 4.53 17.74 -12.68
CA ILE A 16 3.26 17.71 -11.94
C ILE A 16 2.23 18.69 -12.48
N THR A 17 2.62 19.92 -12.80
CA THR A 17 1.67 20.91 -13.33
C THR A 17 0.96 20.42 -14.58
N PRO A 18 1.64 19.89 -15.60
CA PRO A 18 0.89 19.40 -16.77
C PRO A 18 -0.03 18.25 -16.38
N LEU A 19 0.52 17.36 -15.55
CA LEU A 19 -0.22 16.24 -14.99
C LEU A 19 -1.53 16.73 -14.39
N MET A 20 -1.45 17.59 -13.37
CA MET A 20 -2.63 18.06 -12.66
C MET A 20 -3.63 18.73 -13.61
N LYS A 21 -3.09 19.45 -14.59
CA LYS A 21 -3.95 20.13 -15.55
C LYS A 21 -4.71 19.10 -16.38
N ALA A 22 -3.93 18.14 -16.88
CA ALA A 22 -4.49 17.13 -17.78
C ALA A 22 -5.55 16.27 -17.12
N GLN A 23 -5.33 15.85 -15.88
CA GLN A 23 -6.27 14.92 -15.25
C GLN A 23 -7.27 15.61 -14.34
N SER A 24 -7.31 16.93 -14.36
CA SER A 24 -8.19 17.73 -13.50
C SER A 24 -7.98 17.46 -12.02
N VAL A 25 -6.73 17.61 -11.56
CA VAL A 25 -6.43 17.35 -10.14
C VAL A 25 -6.37 18.62 -9.30
N PRO A 26 -7.27 18.80 -8.33
CA PRO A 26 -7.25 20.03 -7.53
C PRO A 26 -5.98 20.22 -6.72
N GLY A 27 -5.37 19.16 -6.19
CA GLY A 27 -4.19 19.40 -5.35
C GLY A 27 -3.31 18.17 -5.29
N MET A 28 -2.04 18.38 -5.00
CA MET A 28 -1.07 17.30 -4.90
C MET A 28 0.07 17.70 -3.95
N ALA A 29 0.57 16.73 -3.21
CA ALA A 29 1.74 16.85 -2.36
C ALA A 29 2.75 15.79 -2.79
N VAL A 30 3.95 16.26 -3.09
CA VAL A 30 5.03 15.40 -3.58
C VAL A 30 6.22 15.50 -2.64
N ALA A 31 6.90 14.37 -2.46
CA ALA A 31 8.17 14.27 -1.77
C ALA A 31 9.11 13.39 -2.60
N VAL A 32 10.29 13.91 -2.90
CA VAL A 32 11.32 13.14 -3.56
C VAL A 32 12.40 12.85 -2.52
N ILE A 33 12.81 11.59 -2.35
CA ILE A 33 13.94 11.47 -1.40
C ILE A 33 15.17 11.14 -2.26
N TYR A 34 16.23 11.88 -1.97
CA TYR A 34 17.47 12.02 -2.72
C TYR A 34 18.55 12.51 -1.77
N GLN A 35 19.72 11.88 -1.79
CA GLN A 35 20.80 12.27 -0.90
C GLN A 35 20.37 12.24 0.56
N GLY A 36 19.73 11.13 0.95
CA GLY A 36 19.27 10.87 2.30
C GLY A 36 18.34 11.94 2.82
N LYS A 37 17.59 12.58 1.91
CA LYS A 37 16.70 13.66 2.33
C LYS A 37 15.38 13.67 1.58
N PRO A 38 14.27 13.96 2.26
CA PRO A 38 13.00 14.19 1.58
C PRO A 38 12.87 15.65 1.15
N HIS A 39 12.51 15.85 -0.10
CA HIS A 39 12.26 17.13 -0.73
C HIS A 39 10.77 17.31 -0.97
N TYR A 40 10.15 18.26 -0.29
CA TYR A 40 8.71 18.44 -0.37
C TYR A 40 8.30 19.52 -1.37
N TYR A 41 7.31 19.15 -2.20
CA TYR A 41 6.72 20.08 -3.15
C TYR A 41 5.20 19.96 -3.13
N THR A 42 4.58 21.13 -3.12
CA THR A 42 3.15 21.26 -2.96
C THR A 42 2.51 22.13 -4.04
N PHE A 43 1.30 21.74 -4.44
CA PHE A 43 0.54 22.30 -5.53
C PHE A 43 -0.95 22.31 -5.26
N GLY A 44 -1.64 23.37 -5.66
CA GLY A 44 -3.07 23.47 -5.65
C GLY A 44 -3.77 23.44 -4.32
N LYS A 45 -5.00 22.91 -4.33
CA LYS A 45 -5.90 23.03 -3.22
C LYS A 45 -6.33 21.73 -2.55
N ALA A 46 -6.23 21.70 -1.22
CA ALA A 46 -6.79 20.61 -0.42
C ALA A 46 -8.32 20.68 -0.37
N ASP A 47 -8.82 21.88 -0.14
CA ASP A 47 -10.25 22.20 -0.13
C ASP A 47 -10.48 23.45 -0.98
N ILE A 48 -11.19 23.30 -2.08
CA ILE A 48 -11.35 24.40 -3.04
C ILE A 48 -12.46 25.36 -2.64
N ALA A 49 -13.56 24.86 -2.08
CA ALA A 49 -14.62 25.76 -1.67
C ALA A 49 -14.16 26.68 -0.52
N ALA A 50 -13.26 26.16 0.30
CA ALA A 50 -12.72 26.90 1.43
C ALA A 50 -11.43 27.61 1.06
N ASN A 51 -10.95 27.31 -0.14
CA ASN A 51 -9.70 27.84 -0.64
C ASN A 51 -8.55 27.52 0.31
N LYS A 52 -8.44 26.26 0.72
CA LYS A 52 -7.35 25.77 1.55
C LYS A 52 -6.26 25.13 0.70
N PRO A 53 -5.07 25.70 0.80
CA PRO A 53 -3.94 25.24 -0.01
C PRO A 53 -3.38 23.93 0.53
N VAL A 54 -2.77 23.14 -0.35
CA VAL A 54 -2.12 21.89 0.06
C VAL A 54 -0.86 22.24 0.86
N THR A 55 -0.57 21.42 1.86
CA THR A 55 0.52 21.70 2.81
C THR A 55 1.19 20.39 3.18
N PRO A 56 2.44 20.34 3.63
CA PRO A 56 3.00 19.07 4.09
C PRO A 56 2.32 18.48 5.32
N GLN A 57 1.22 19.00 5.83
CA GLN A 57 0.50 18.34 6.91
C GLN A 57 -0.96 18.09 6.53
N THR A 58 -1.22 18.23 5.23
CA THR A 58 -2.48 17.92 4.60
C THR A 58 -2.70 16.41 4.60
N LEU A 59 -3.79 15.94 5.21
CA LEU A 59 -4.03 14.50 5.20
C LEU A 59 -4.74 14.07 3.92
N PHE A 60 -4.12 13.12 3.22
CA PHE A 60 -4.71 12.46 2.08
C PHE A 60 -5.08 11.02 2.40
N GLU A 61 -6.18 10.54 1.84
CA GLU A 61 -6.52 9.11 1.94
C GLU A 61 -5.61 8.32 1.00
N LEU A 62 -4.86 7.39 1.57
CA LEU A 62 -3.89 6.58 0.86
C LEU A 62 -4.52 5.49 0.01
N GLY A 63 -5.75 5.08 0.27
CA GLY A 63 -6.31 3.98 -0.50
C GLY A 63 -5.47 2.74 -0.39
N SER A 64 -5.34 1.97 -1.47
CA SER A 64 -4.67 0.68 -1.36
C SER A 64 -3.24 0.73 -0.87
N ILE A 65 -2.62 1.89 -0.65
CA ILE A 65 -1.23 1.92 -0.19
C ILE A 65 -1.16 1.62 1.31
N SER A 66 -2.31 1.64 1.96
CA SER A 66 -2.46 1.08 3.29
C SER A 66 -2.00 -0.38 3.39
N LYS A 67 -2.03 -1.16 2.32
CA LYS A 67 -1.65 -2.58 2.35
C LYS A 67 -0.18 -2.75 2.65
N THR A 68 0.61 -1.70 2.42
CA THR A 68 2.03 -1.80 2.76
C THR A 68 2.18 -1.78 4.28
N PHE A 69 1.30 -1.03 4.94
CA PHE A 69 1.29 -0.99 6.40
C PHE A 69 0.80 -2.33 6.95
N THR A 70 -0.20 -2.88 6.27
CA THR A 70 -0.76 -4.18 6.64
C THR A 70 0.31 -5.27 6.49
N GLY A 71 1.18 -5.11 5.51
CA GLY A 71 2.20 -6.11 5.29
C GLY A 71 3.34 -6.08 6.29
N VAL A 72 3.78 -4.87 6.67
CA VAL A 72 4.84 -4.75 7.67
C VAL A 72 4.34 -5.18 9.04
N LEU A 73 3.09 -4.80 9.36
CA LEU A 73 2.50 -5.23 10.62
C LEU A 73 2.56 -6.77 10.66
N GLY A 74 1.80 -7.39 9.79
CA GLY A 74 1.79 -8.83 9.57
C GLY A 74 3.19 -9.42 9.61
N GLY A 75 4.13 -8.71 8.99
CA GLY A 75 5.51 -9.10 8.97
C GLY A 75 6.15 -8.99 10.35
N ASP A 76 5.72 -8.01 11.14
CA ASP A 76 6.31 -7.82 12.47
C ASP A 76 5.87 -8.93 13.42
N ALA A 77 4.62 -9.36 13.26
CA ALA A 77 4.01 -10.43 14.03
C ALA A 77 4.68 -11.77 13.73
N ILE A 78 5.09 -11.95 12.48
CA ILE A 78 5.83 -13.12 12.06
C ILE A 78 7.17 -13.20 12.79
N ALA A 79 7.91 -12.11 12.74
CA ALA A 79 9.24 -12.02 13.31
C ALA A 79 9.21 -12.10 14.84
N ARG A 80 8.06 -11.82 15.43
CA ARG A 80 7.77 -11.88 16.84
C ARG A 80 7.50 -13.33 17.26
N GLY A 81 7.16 -14.15 16.28
CA GLY A 81 6.89 -15.56 16.47
C GLY A 81 5.42 -15.85 16.69
N GLU A 82 4.59 -14.81 16.64
CA GLU A 82 3.17 -15.02 16.93
C GLU A 82 2.44 -15.64 15.74
N ILE A 83 3.05 -15.59 14.57
CA ILE A 83 2.39 -16.05 13.35
C ILE A 83 3.41 -16.63 12.37
N SER A 84 2.96 -17.49 11.47
CA SER A 84 3.79 -18.07 10.43
C SER A 84 3.03 -18.22 9.11
N LEU A 85 3.70 -17.85 8.01
CA LEU A 85 3.05 -17.80 6.70
C LEU A 85 2.62 -19.18 6.22
N ASP A 86 3.39 -20.21 6.58
CA ASP A 86 3.08 -21.57 6.17
C ASP A 86 1.91 -22.16 6.95
N ASP A 87 1.61 -21.61 8.12
CA ASP A 87 0.51 -22.12 8.93
C ASP A 87 -0.83 -22.03 8.19
N PRO A 88 -1.65 -23.06 8.26
CA PRO A 88 -2.99 -22.98 7.66
C PRO A 88 -3.74 -21.78 8.24
N VAL A 89 -4.58 -21.16 7.42
CA VAL A 89 -5.38 -20.04 7.90
C VAL A 89 -6.19 -20.48 9.11
N THR A 90 -6.64 -21.72 9.06
CA THR A 90 -7.55 -22.34 10.01
C THR A 90 -6.93 -22.45 11.40
N ARG A 91 -5.62 -22.26 11.46
CA ARG A 91 -4.85 -22.21 12.70
C ARG A 91 -5.26 -21.02 13.55
N TYR A 92 -5.68 -19.94 12.87
CA TYR A 92 -5.97 -18.70 13.59
C TYR A 92 -7.46 -18.39 13.61
N TRP A 93 -8.21 -19.17 12.85
CA TRP A 93 -9.66 -19.06 12.74
C TRP A 93 -10.26 -20.43 12.48
N PRO A 94 -10.35 -21.25 13.53
CA PRO A 94 -10.74 -22.66 13.36
C PRO A 94 -12.20 -22.84 12.98
N GLN A 95 -13.01 -21.80 13.17
CA GLN A 95 -14.42 -21.81 12.84
C GLN A 95 -14.60 -21.70 11.32
N LEU A 96 -13.53 -21.39 10.61
CA LEU A 96 -13.57 -21.44 9.15
C LEU A 96 -13.62 -22.90 8.72
N THR A 97 -14.79 -23.49 8.60
CA THR A 97 -14.91 -24.95 8.56
C THR A 97 -14.89 -25.60 7.19
N GLY A 98 -14.93 -24.86 6.09
CA GLY A 98 -15.00 -25.46 4.77
C GLY A 98 -13.82 -26.32 4.39
N LYS A 99 -14.05 -27.31 3.53
CA LYS A 99 -12.98 -28.21 3.08
C LYS A 99 -12.10 -27.52 2.05
N GLN A 100 -12.64 -26.43 1.54
CA GLN A 100 -12.09 -25.48 0.60
C GLN A 100 -10.87 -24.79 1.20
N TRP A 101 -10.99 -24.43 2.46
CA TRP A 101 -9.96 -23.77 3.24
C TRP A 101 -8.83 -24.70 3.62
N GLN A 102 -8.94 -25.97 3.25
CA GLN A 102 -7.95 -26.97 3.61
C GLN A 102 -6.52 -26.56 3.29
N GLY A 103 -6.20 -26.45 2.02
CA GLY A 103 -4.81 -26.25 1.65
C GLY A 103 -4.32 -24.83 1.68
N ILE A 104 -5.12 -23.90 2.22
CA ILE A 104 -4.69 -22.51 2.14
C ILE A 104 -3.91 -22.07 3.37
N ARG A 105 -2.65 -21.67 3.16
CA ARG A 105 -1.84 -21.13 4.24
C ARG A 105 -2.04 -19.62 4.39
N MET A 106 -1.44 -19.08 5.45
CA MET A 106 -1.47 -17.64 5.69
C MET A 106 -0.81 -16.87 4.55
N LEU A 107 0.27 -17.40 4.00
CA LEU A 107 0.96 -16.73 2.90
C LEU A 107 0.03 -16.43 1.73
N ASP A 108 -0.79 -17.41 1.40
CA ASP A 108 -1.80 -17.31 0.37
C ASP A 108 -2.68 -16.07 0.57
N LEU A 109 -3.28 -15.96 1.74
CA LEU A 109 -4.12 -14.79 2.05
C LEU A 109 -3.32 -13.51 1.86
N ALA A 110 -2.07 -13.56 2.35
CA ALA A 110 -1.20 -12.41 2.37
C ALA A 110 -0.80 -11.93 0.98
N THR A 111 -0.62 -12.86 0.03
CA THR A 111 -0.13 -12.52 -1.29
C THR A 111 -1.12 -12.79 -2.41
N TYR A 112 -2.39 -12.84 -2.13
CA TYR A 112 -3.49 -12.96 -3.08
C TYR A 112 -3.49 -14.29 -3.81
N THR A 113 -3.10 -15.40 -3.18
CA THR A 113 -3.12 -16.66 -3.92
C THR A 113 -3.88 -17.80 -3.25
N ALA A 114 -4.92 -17.53 -2.48
CA ALA A 114 -5.78 -18.56 -1.91
C ALA A 114 -6.36 -19.43 -3.03
N GLY A 115 -7.09 -18.78 -3.91
CA GLY A 115 -7.65 -19.31 -5.13
C GLY A 115 -8.77 -18.49 -5.75
N GLY A 116 -8.77 -17.17 -5.63
CA GLY A 116 -9.88 -16.41 -6.17
C GLY A 116 -10.65 -15.55 -5.20
N LEU A 117 -10.09 -15.22 -4.04
CA LEU A 117 -10.82 -14.27 -3.19
C LEU A 117 -11.03 -12.95 -3.95
N PRO A 118 -12.24 -12.43 -3.88
CA PRO A 118 -12.66 -11.26 -4.65
C PRO A 118 -12.04 -9.93 -4.26
N LEU A 119 -11.89 -9.07 -5.26
CA LEU A 119 -11.31 -7.74 -5.14
C LEU A 119 -11.76 -6.99 -3.90
N GLN A 120 -13.07 -6.83 -3.79
CA GLN A 120 -13.60 -6.17 -2.61
C GLN A 120 -14.42 -7.15 -1.77
N VAL A 121 -14.82 -6.70 -0.58
CA VAL A 121 -15.69 -7.44 0.31
C VAL A 121 -17.15 -7.03 0.05
N PRO A 122 -18.03 -8.00 -0.15
CA PRO A 122 -19.43 -7.73 -0.45
C PRO A 122 -20.06 -6.65 0.41
N ASP A 123 -21.06 -5.95 -0.13
CA ASP A 123 -21.68 -4.83 0.57
C ASP A 123 -22.57 -5.30 1.72
N GLU A 124 -23.00 -6.56 1.63
CA GLU A 124 -23.84 -7.14 2.67
C GLU A 124 -23.02 -7.51 3.90
N VAL A 125 -21.76 -7.84 3.69
CA VAL A 125 -20.91 -8.13 4.85
C VAL A 125 -20.74 -6.86 5.68
N THR A 126 -21.49 -6.82 6.76
CA THR A 126 -21.56 -5.72 7.71
C THR A 126 -21.11 -6.12 9.11
N ASP A 127 -20.76 -7.40 9.29
CA ASP A 127 -20.32 -7.79 10.63
C ASP A 127 -19.62 -9.15 10.57
N ASN A 128 -19.22 -9.67 11.73
CA ASN A 128 -18.41 -10.87 11.78
C ASN A 128 -19.18 -12.11 11.36
N ALA A 129 -20.47 -12.16 11.72
CA ALA A 129 -21.29 -13.30 11.33
C ALA A 129 -21.38 -13.38 9.81
N SER A 130 -21.87 -12.28 9.26
CA SER A 130 -21.94 -12.02 7.83
C SER A 130 -20.56 -12.19 7.22
N LEU A 131 -19.57 -11.68 7.97
CA LEU A 131 -18.21 -11.95 7.53
C LEU A 131 -17.96 -13.45 7.50
N VAL A 132 -18.26 -14.21 8.56
CA VAL A 132 -17.92 -15.63 8.50
C VAL A 132 -18.71 -16.34 7.39
N ARG A 133 -19.99 -16.04 7.23
CA ARG A 133 -20.78 -16.77 6.24
C ARG A 133 -20.12 -16.60 4.86
N PHE A 134 -19.67 -15.38 4.62
CA PHE A 134 -19.00 -15.04 3.38
C PHE A 134 -17.86 -15.99 3.07
N TYR A 135 -16.83 -16.00 3.91
CA TYR A 135 -15.66 -16.86 3.74
C TYR A 135 -15.98 -18.33 3.90
N GLN A 136 -16.98 -18.66 4.71
CA GLN A 136 -17.41 -20.05 4.87
C GLN A 136 -17.96 -20.58 3.54
N ASN A 137 -18.77 -19.74 2.90
CA ASN A 137 -19.44 -20.14 1.67
C ASN A 137 -18.82 -19.51 0.43
N TRP A 138 -17.52 -19.19 0.45
CA TRP A 138 -16.86 -18.71 -0.75
C TRP A 138 -16.22 -19.88 -1.48
N GLN A 139 -16.48 -20.05 -2.78
CA GLN A 139 -15.81 -21.14 -3.48
C GLN A 139 -14.65 -20.62 -4.35
N PRO A 140 -13.49 -21.25 -4.20
CA PRO A 140 -12.33 -21.00 -5.03
C PRO A 140 -12.62 -20.90 -6.53
N GLN A 141 -11.68 -21.38 -7.32
CA GLN A 141 -11.66 -21.37 -8.77
C GLN A 141 -10.44 -22.16 -9.26
N TRP A 142 -9.33 -21.78 -8.63
CA TRP A 142 -8.02 -22.39 -8.76
C TRP A 142 -7.58 -22.92 -7.41
N LYS A 143 -6.56 -23.78 -7.38
CA LYS A 143 -6.13 -24.25 -6.06
C LYS A 143 -5.07 -23.31 -5.50
N PRO A 144 -4.90 -23.36 -4.19
CA PRO A 144 -3.88 -22.56 -3.48
C PRO A 144 -2.57 -22.46 -4.24
N GLY A 145 -1.98 -21.27 -4.20
CA GLY A 145 -0.67 -21.05 -4.76
C GLY A 145 -0.63 -21.22 -6.26
N THR A 146 -1.74 -20.92 -6.94
CA THR A 146 -1.76 -21.08 -8.38
C THR A 146 -2.20 -19.83 -9.13
N THR A 147 -2.82 -18.87 -8.44
CA THR A 147 -3.40 -17.78 -9.24
C THR A 147 -3.61 -16.50 -8.44
N ARG A 148 -2.77 -15.52 -8.76
CA ARG A 148 -2.75 -14.19 -8.18
C ARG A 148 -3.92 -13.35 -8.70
N LEU A 149 -4.68 -12.84 -7.76
CA LEU A 149 -5.82 -11.98 -8.01
C LEU A 149 -5.95 -10.96 -6.87
N TYR A 150 -5.38 -9.79 -7.10
CA TYR A 150 -5.38 -8.65 -6.20
C TYR A 150 -6.71 -8.52 -5.48
N ALA A 151 -6.70 -8.48 -4.13
CA ALA A 151 -8.00 -8.45 -3.47
C ALA A 151 -7.93 -7.93 -2.04
N ASN A 152 -8.96 -7.17 -1.67
CA ASN A 152 -9.06 -6.66 -0.30
C ASN A 152 -9.49 -7.79 0.64
N ALA A 153 -10.41 -8.62 0.18
CA ALA A 153 -10.99 -9.72 0.94
C ALA A 153 -9.95 -10.76 1.33
N SER A 154 -8.82 -10.71 0.64
CA SER A 154 -7.70 -11.60 0.86
C SER A 154 -6.71 -10.97 1.84
N ILE A 155 -6.04 -9.89 1.45
CA ILE A 155 -5.03 -9.37 2.40
C ILE A 155 -5.74 -8.77 3.60
N GLY A 156 -6.98 -8.35 3.42
CA GLY A 156 -7.74 -7.88 4.56
C GLY A 156 -7.85 -8.93 5.66
N LEU A 157 -8.20 -10.16 5.33
CA LEU A 157 -8.35 -11.22 6.33
C LEU A 157 -7.02 -11.58 6.99
N PHE A 158 -5.94 -11.60 6.23
CA PHE A 158 -4.61 -11.75 6.82
C PHE A 158 -4.35 -10.71 7.89
N GLY A 159 -4.74 -9.46 7.59
CA GLY A 159 -4.38 -8.40 8.52
C GLY A 159 -5.09 -8.61 9.84
N ALA A 160 -6.36 -8.97 9.73
CA ALA A 160 -7.26 -9.12 10.85
C ALA A 160 -6.92 -10.33 11.72
N LEU A 161 -6.47 -11.39 11.07
CA LEU A 161 -6.05 -12.61 11.72
C LEU A 161 -4.67 -12.47 12.35
N ALA A 162 -3.78 -11.77 11.67
CA ALA A 162 -2.39 -11.60 12.05
C ALA A 162 -2.19 -10.98 13.43
N VAL A 163 -3.08 -10.10 13.82
CA VAL A 163 -3.03 -9.34 15.06
C VAL A 163 -3.72 -10.03 16.23
N LYS A 164 -4.42 -11.13 15.96
CA LYS A 164 -5.18 -11.76 17.04
C LYS A 164 -4.26 -12.19 18.19
N PRO A 165 -3.20 -12.94 17.94
CA PRO A 165 -2.30 -13.31 19.04
C PRO A 165 -1.78 -12.13 19.83
N SER A 166 -1.76 -10.93 19.26
CA SER A 166 -1.28 -9.80 20.04
C SER A 166 -2.29 -9.41 21.10
N GLY A 167 -3.52 -9.87 20.92
CA GLY A 167 -4.59 -9.55 21.84
C GLY A 167 -5.05 -8.11 21.74
N MET A 168 -4.43 -7.33 20.86
CA MET A 168 -4.82 -5.95 20.63
C MET A 168 -5.73 -5.78 19.41
N PRO A 169 -6.74 -4.93 19.47
CA PRO A 169 -7.48 -4.61 18.24
C PRO A 169 -6.51 -4.12 17.15
N TYR A 170 -6.92 -4.22 15.90
CA TYR A 170 -6.07 -3.94 14.76
C TYR A 170 -5.46 -2.54 14.76
N GLU A 171 -6.28 -1.55 15.12
CA GLU A 171 -5.85 -0.16 15.15
C GLU A 171 -4.87 0.15 16.26
N GLN A 172 -5.07 -0.36 17.48
CA GLN A 172 -4.07 -0.18 18.53
C GLN A 172 -2.81 -0.97 18.23
N ALA A 173 -2.97 -2.16 17.64
CA ALA A 173 -1.72 -2.87 17.32
C ALA A 173 -0.92 -2.08 16.28
N MET A 174 -1.59 -1.56 15.25
CA MET A 174 -0.87 -0.84 14.20
C MET A 174 -0.13 0.37 14.78
N THR A 175 -0.80 1.07 15.67
CA THR A 175 -0.23 2.29 16.27
C THR A 175 0.97 1.95 17.15
N THR A 176 0.83 0.90 17.96
CA THR A 176 1.83 0.46 18.93
C THR A 176 3.03 -0.18 18.27
N ARG A 177 2.79 -1.09 17.32
CA ARG A 177 3.95 -1.83 16.83
C ARG A 177 4.60 -1.20 15.61
N VAL A 178 3.93 -0.28 14.92
CA VAL A 178 4.51 0.23 13.68
C VAL A 178 4.57 1.75 13.58
N LEU A 179 3.44 2.44 13.72
CA LEU A 179 3.38 3.89 13.55
C LEU A 179 4.25 4.64 14.56
N LYS A 180 3.97 4.54 15.86
CA LYS A 180 4.75 5.21 16.89
C LYS A 180 6.24 4.89 16.88
N PRO A 181 6.64 3.63 16.80
CA PRO A 181 8.07 3.32 16.72
C PRO A 181 8.76 4.07 15.59
N LEU A 182 8.03 4.38 14.52
CA LEU A 182 8.71 5.01 13.39
C LEU A 182 8.49 6.53 13.41
N LYS A 183 7.71 6.90 14.39
CA LYS A 183 7.21 8.19 14.80
C LYS A 183 6.42 8.87 13.68
N LEU A 184 5.47 8.07 13.22
CA LEU A 184 4.46 8.46 12.26
C LEU A 184 3.23 8.93 13.01
N ASP A 185 3.36 10.13 13.59
CA ASP A 185 2.38 10.62 14.54
C ASP A 185 1.22 11.35 13.88
N HIS A 186 1.26 11.44 12.56
CA HIS A 186 0.13 12.04 11.84
C HIS A 186 -0.32 11.11 10.72
N THR A 187 -0.45 9.85 11.09
CA THR A 187 -0.94 8.78 10.24
C THR A 187 -2.09 8.10 10.97
N TRP A 188 -3.28 8.08 10.37
CA TRP A 188 -4.45 7.64 11.10
C TRP A 188 -5.26 6.62 10.31
N ILE A 189 -5.91 5.74 11.06
CA ILE A 189 -6.92 4.87 10.47
C ILE A 189 -8.27 5.58 10.61
N ASN A 190 -8.38 6.34 11.69
CA ASN A 190 -9.48 7.21 12.07
C ASN A 190 -8.97 8.61 12.44
N VAL A 191 -9.36 9.64 11.68
CA VAL A 191 -8.78 10.95 11.98
C VAL A 191 -9.44 11.59 13.19
N PRO A 192 -8.64 11.94 14.19
CA PRO A 192 -9.20 12.61 15.36
C PRO A 192 -9.85 13.93 14.95
N LYS A 193 -10.98 14.22 15.57
CA LYS A 193 -11.71 15.46 15.36
C LYS A 193 -10.76 16.66 15.35
N ALA A 194 -9.82 16.62 16.29
CA ALA A 194 -8.80 17.63 16.43
C ALA A 194 -7.84 17.65 15.25
N GLU A 195 -7.96 16.73 14.30
CA GLU A 195 -7.08 16.82 13.12
C GLU A 195 -7.81 17.02 11.81
N GLU A 196 -9.14 16.96 11.78
CA GLU A 196 -9.86 16.99 10.51
C GLU A 196 -9.57 18.24 9.69
N ALA A 197 -9.18 19.34 10.32
CA ALA A 197 -8.90 20.55 9.57
C ALA A 197 -7.75 20.35 8.60
N HIS A 198 -6.89 19.38 8.87
CA HIS A 198 -5.80 19.00 8.00
C HIS A 198 -6.24 17.97 6.97
N TYR A 199 -7.49 17.53 7.11
CA TYR A 199 -8.00 16.48 6.22
C TYR A 199 -8.44 17.09 4.90
N ALA A 200 -7.79 16.68 3.82
CA ALA A 200 -8.18 17.16 2.49
C ALA A 200 -9.58 16.71 2.14
N TRP A 201 -10.21 17.37 1.17
CA TRP A 201 -11.43 16.90 0.54
C TRP A 201 -11.06 16.14 -0.74
N GLY A 202 -11.80 15.09 -1.07
CA GLY A 202 -11.57 14.37 -2.31
C GLY A 202 -12.58 14.86 -3.36
N TYR A 203 -12.29 14.65 -4.64
CA TYR A 203 -13.21 15.13 -5.69
C TYR A 203 -13.44 14.04 -6.72
N ARG A 204 -14.70 13.68 -6.94
CA ARG A 204 -14.95 12.51 -7.81
C ARG A 204 -15.52 12.94 -9.15
N ASP A 205 -16.77 13.39 -9.16
CA ASP A 205 -17.34 13.93 -10.39
C ASP A 205 -17.68 15.40 -10.16
N GLY A 206 -16.63 16.19 -9.86
CA GLY A 206 -16.83 17.59 -9.54
C GLY A 206 -17.60 17.77 -8.23
N LYS A 207 -17.64 16.70 -7.45
CA LYS A 207 -18.26 16.59 -6.13
C LYS A 207 -17.22 16.09 -5.13
N ALA A 208 -17.10 16.85 -4.05
CA ALA A 208 -16.16 16.56 -2.99
C ALA A 208 -16.61 15.31 -2.25
N VAL A 209 -15.69 14.38 -2.07
CA VAL A 209 -16.07 13.12 -1.43
C VAL A 209 -15.00 12.61 -0.48
N ARG A 210 -15.45 11.83 0.49
CA ARG A 210 -14.53 11.18 1.41
C ARG A 210 -14.94 9.72 1.59
N VAL A 211 -13.92 8.90 1.74
CA VAL A 211 -14.10 7.46 1.85
C VAL A 211 -15.14 7.13 2.91
N SER A 212 -15.83 6.02 2.70
CA SER A 212 -16.81 5.52 3.64
C SER A 212 -16.27 4.27 4.33
N PRO A 213 -16.78 4.02 5.54
CA PRO A 213 -16.38 2.82 6.30
C PRO A 213 -16.89 1.56 5.61
N GLY A 214 -16.08 0.51 5.67
CA GLY A 214 -16.39 -0.80 5.15
C GLY A 214 -15.69 -1.92 5.91
N MET A 215 -16.22 -3.14 5.86
CA MET A 215 -15.55 -4.23 6.57
C MET A 215 -14.14 -4.44 6.04
N LEU A 216 -13.18 -4.50 6.96
CA LEU A 216 -11.79 -4.74 6.63
C LEU A 216 -11.15 -3.54 5.94
N ASP A 217 -11.75 -2.35 6.06
CA ASP A 217 -11.21 -1.18 5.38
C ASP A 217 -9.80 -0.82 5.83
N ALA A 218 -9.59 -0.61 7.12
CA ALA A 218 -8.29 -0.26 7.68
C ALA A 218 -7.18 -1.16 7.14
N GLN A 219 -7.53 -2.44 6.94
CA GLN A 219 -6.53 -3.36 6.43
C GLN A 219 -6.29 -3.14 4.94
N ALA A 220 -7.27 -2.62 4.19
CA ALA A 220 -7.03 -2.69 2.75
C ALA A 220 -7.06 -1.34 2.04
N TYR A 221 -7.61 -0.30 2.66
CA TYR A 221 -7.66 1.01 1.99
C TYR A 221 -7.90 2.21 2.89
N GLY A 222 -8.04 2.12 4.20
CA GLY A 222 -8.50 3.21 5.01
C GLY A 222 -7.53 4.02 5.83
N VAL A 223 -6.26 4.05 5.52
CA VAL A 223 -5.24 4.81 6.22
C VAL A 223 -5.08 6.20 5.59
N LYS A 224 -4.91 7.22 6.40
CA LYS A 224 -4.76 8.60 5.93
C LYS A 224 -3.48 9.24 6.46
N THR A 225 -2.70 9.91 5.60
CA THR A 225 -1.49 10.60 5.98
C THR A 225 -1.30 11.97 5.30
N ASN A 226 -0.21 12.60 5.73
CA ASN A 226 0.43 13.76 5.14
C ASN A 226 1.74 13.35 4.47
N VAL A 227 2.27 14.27 3.68
CA VAL A 227 3.35 13.88 2.79
C VAL A 227 4.67 13.72 3.53
N GLN A 228 4.70 14.22 4.78
CA GLN A 228 5.88 14.04 5.62
C GLN A 228 5.91 12.64 6.23
N ASP A 229 4.83 12.21 6.89
CA ASP A 229 4.87 10.85 7.43
C ASP A 229 5.08 9.83 6.31
N MET A 230 4.49 10.10 5.15
CA MET A 230 4.60 9.15 4.05
C MET A 230 6.02 9.09 3.49
N ALA A 231 6.73 10.21 3.60
CA ALA A 231 8.10 10.24 3.09
C ALA A 231 9.03 9.46 4.02
N ASN A 232 8.76 9.60 5.31
CA ASN A 232 9.54 8.90 6.33
C ASN A 232 9.26 7.40 6.31
N TRP A 233 8.04 7.05 5.95
CA TRP A 233 7.62 5.67 5.77
C TRP A 233 8.41 5.06 4.63
N VAL A 234 8.44 5.77 3.50
CA VAL A 234 9.21 5.27 2.36
C VAL A 234 10.67 5.07 2.73
N MET A 235 11.16 5.99 3.55
CA MET A 235 12.56 5.98 3.97
C MET A 235 12.86 4.81 4.90
N ALA A 236 12.00 4.54 5.88
CA ALA A 236 12.18 3.43 6.80
C ALA A 236 12.22 2.08 6.08
N ASN A 237 11.39 1.94 5.06
CA ASN A 237 11.34 0.75 4.23
C ASN A 237 12.48 0.70 3.23
N MET A 238 12.95 1.89 2.84
CA MET A 238 14.01 1.97 1.84
C MET A 238 15.36 1.62 2.46
N ALA A 239 15.60 2.12 3.66
CA ALA A 239 16.85 1.84 4.37
C ALA A 239 16.53 1.42 5.80
N PRO A 240 16.03 0.20 5.93
CA PRO A 240 15.55 -0.31 7.22
C PRO A 240 16.65 -0.51 8.26
N GLU A 241 17.89 -0.27 7.86
CA GLU A 241 19.09 -0.46 8.68
C GLU A 241 19.06 0.39 9.94
N ASN A 242 18.34 1.52 9.93
CA ASN A 242 18.35 2.33 11.15
C ASN A 242 17.03 2.24 11.90
N VAL A 243 16.32 1.13 11.69
CA VAL A 243 15.14 0.79 12.48
C VAL A 243 15.59 0.07 13.75
N ALA A 244 15.28 0.64 14.90
CA ALA A 244 15.69 0.09 16.19
C ALA A 244 15.07 -1.28 16.49
N ASP A 245 13.78 -1.29 16.77
CA ASP A 245 13.03 -2.49 17.12
C ASP A 245 13.36 -3.63 16.15
N ALA A 246 14.00 -4.67 16.68
CA ALA A 246 14.43 -5.76 15.81
C ALA A 246 13.25 -6.42 15.12
N SER A 247 12.07 -6.46 15.75
CA SER A 247 11.02 -7.20 15.02
C SER A 247 10.45 -6.37 13.88
N LEU A 248 10.49 -5.05 13.98
CA LEU A 248 9.93 -4.18 12.95
C LEU A 248 10.86 -4.12 11.74
N LYS A 249 12.15 -4.10 12.03
CA LYS A 249 13.07 -4.09 10.88
C LYS A 249 12.92 -5.38 10.09
N GLN A 250 12.72 -6.50 10.78
CA GLN A 250 12.57 -7.80 10.15
C GLN A 250 11.23 -7.88 9.43
N GLY A 251 10.25 -7.21 10.00
CA GLY A 251 8.94 -7.08 9.41
C GLY A 251 9.04 -6.39 8.05
N ILE A 252 9.74 -5.25 8.04
CA ILE A 252 9.98 -4.51 6.80
C ILE A 252 10.64 -5.44 5.79
N ALA A 253 11.59 -6.24 6.27
CA ALA A 253 12.30 -7.22 5.46
C ALA A 253 11.40 -8.31 4.88
N LEU A 254 10.42 -8.82 5.62
CA LEU A 254 9.55 -9.90 5.12
C LEU A 254 8.56 -9.36 4.09
N ALA A 255 8.25 -8.08 4.30
CA ALA A 255 7.32 -7.39 3.42
C ALA A 255 7.95 -7.06 2.08
N GLN A 256 9.27 -6.96 2.00
CA GLN A 256 9.97 -6.73 0.74
C GLN A 256 10.68 -7.98 0.24
N SER A 257 10.34 -9.12 0.82
CA SER A 257 10.77 -10.43 0.35
C SER A 257 9.91 -10.84 -0.84
N ARG A 258 10.46 -11.64 -1.74
CA ARG A 258 9.72 -12.09 -2.91
C ARG A 258 9.16 -13.49 -2.74
N TYR A 259 7.84 -13.60 -2.73
CA TYR A 259 7.18 -14.88 -2.51
C TYR A 259 6.75 -15.54 -3.81
N TRP A 260 6.51 -14.68 -4.79
CA TRP A 260 5.88 -15.12 -6.03
C TRP A 260 6.36 -14.34 -7.24
N ARG A 261 6.74 -15.00 -8.31
CA ARG A 261 7.11 -14.34 -9.56
C ARG A 261 5.94 -14.40 -10.56
N ILE A 262 5.45 -13.22 -10.91
CA ILE A 262 4.37 -13.04 -11.88
C ILE A 262 4.85 -12.18 -13.06
N GLY A 263 5.61 -12.79 -13.95
CA GLY A 263 6.15 -12.15 -15.14
C GLY A 263 7.37 -11.32 -14.83
N SER A 264 7.22 -10.00 -14.88
CA SER A 264 8.34 -9.10 -14.61
C SER A 264 8.29 -8.65 -13.14
N MET A 265 7.20 -9.05 -12.50
CA MET A 265 6.87 -8.63 -11.14
C MET A 265 6.95 -9.80 -10.15
N TYR A 266 7.25 -9.45 -8.91
CA TYR A 266 7.42 -10.31 -7.75
C TYR A 266 6.65 -9.81 -6.54
N GLN A 267 5.67 -10.57 -6.05
CA GLN A 267 4.84 -10.09 -4.95
C GLN A 267 5.52 -10.26 -3.60
N GLY A 268 5.31 -9.27 -2.73
CA GLY A 268 5.74 -9.28 -1.34
C GLY A 268 4.51 -9.18 -0.45
N LEU A 269 4.67 -8.75 0.80
CA LEU A 269 3.51 -8.51 1.65
C LEU A 269 3.10 -7.04 1.46
N GLY A 270 2.05 -6.78 0.69
CA GLY A 270 1.64 -5.42 0.42
C GLY A 270 2.45 -4.78 -0.71
N TRP A 271 3.76 -4.68 -0.55
CA TRP A 271 4.63 -4.12 -1.56
C TRP A 271 4.72 -5.02 -2.79
N GLU A 272 5.03 -4.43 -3.95
CA GLU A 272 5.34 -5.22 -5.13
C GLU A 272 6.70 -4.79 -5.67
N MET A 273 7.33 -5.66 -6.43
CA MET A 273 8.71 -5.40 -6.85
C MET A 273 8.92 -5.83 -8.31
N LEU A 274 9.91 -5.22 -8.92
CA LEU A 274 10.43 -5.57 -10.24
C LEU A 274 11.94 -5.49 -10.20
N ASN A 275 12.66 -6.23 -11.05
CA ASN A 275 14.11 -6.03 -10.94
C ASN A 275 14.53 -4.73 -11.60
N TRP A 276 15.52 -4.06 -11.02
CA TRP A 276 16.12 -2.87 -11.59
C TRP A 276 17.41 -3.19 -12.34
N PRO A 277 17.56 -2.72 -13.58
CA PRO A 277 16.68 -1.74 -14.21
C PRO A 277 15.46 -2.31 -14.92
N VAL A 278 14.44 -1.44 -15.00
CA VAL A 278 13.22 -1.83 -15.68
C VAL A 278 12.72 -0.70 -16.57
N GLU A 279 12.47 -1.05 -17.83
CA GLU A 279 12.00 -0.04 -18.79
C GLU A 279 10.74 0.62 -18.26
N ALA A 280 10.49 1.84 -18.68
CA ALA A 280 9.31 2.55 -18.22
C ALA A 280 8.03 1.80 -18.55
N ASN A 281 7.83 1.46 -19.82
CA ASN A 281 6.50 0.99 -20.22
C ASN A 281 6.13 -0.36 -19.63
N THR A 282 7.11 -1.17 -19.25
CA THR A 282 6.77 -2.46 -18.64
C THR A 282 6.11 -2.22 -17.29
N VAL A 283 6.68 -1.33 -16.49
CA VAL A 283 6.04 -0.88 -15.26
C VAL A 283 4.78 -0.07 -15.56
N VAL A 284 4.82 0.81 -16.56
CA VAL A 284 3.63 1.62 -16.81
C VAL A 284 2.48 0.73 -17.27
N GLU A 285 2.71 -0.16 -18.23
CA GLU A 285 1.59 -0.97 -18.71
C GLU A 285 1.15 -1.97 -17.64
N GLY A 286 2.13 -2.39 -16.83
CA GLY A 286 1.85 -3.29 -15.73
C GLY A 286 0.89 -2.64 -14.74
N SER A 287 0.91 -1.30 -14.74
CA SER A 287 0.06 -0.52 -13.83
C SER A 287 -1.36 -0.46 -14.37
N ASP A 288 -1.52 -0.78 -15.65
CA ASP A 288 -2.87 -0.72 -16.22
C ASP A 288 -3.79 -1.72 -15.54
N SER A 289 -5.03 -1.32 -15.30
CA SER A 289 -6.03 -2.16 -14.64
C SER A 289 -6.27 -3.47 -15.40
N LYS A 290 -5.97 -3.45 -16.68
CA LYS A 290 -6.09 -4.58 -17.58
C LYS A 290 -5.30 -5.76 -17.05
N VAL A 291 -4.22 -5.43 -16.37
CA VAL A 291 -3.32 -6.38 -15.74
C VAL A 291 -3.53 -6.39 -14.23
N ALA A 292 -3.33 -5.22 -13.63
CA ALA A 292 -3.40 -4.99 -12.20
C ALA A 292 -4.50 -5.77 -11.49
N LEU A 293 -5.66 -5.86 -12.11
CA LEU A 293 -6.84 -6.43 -11.48
C LEU A 293 -7.22 -7.77 -12.07
N ALA A 294 -6.28 -8.34 -12.80
CA ALA A 294 -6.51 -9.58 -13.54
C ALA A 294 -5.77 -10.77 -12.96
N PRO A 295 -6.49 -11.88 -12.81
CA PRO A 295 -5.89 -13.08 -12.23
C PRO A 295 -4.85 -13.67 -13.17
N LEU A 296 -3.62 -13.78 -12.71
CA LEU A 296 -2.52 -14.32 -13.49
C LEU A 296 -1.93 -15.53 -12.77
N PRO A 297 -1.26 -16.43 -13.46
CA PRO A 297 -0.75 -17.62 -12.76
C PRO A 297 0.51 -17.20 -12.01
N VAL A 298 1.10 -18.08 -11.22
CA VAL A 298 2.22 -17.63 -10.39
C VAL A 298 3.34 -18.63 -10.33
N VAL A 299 4.54 -18.19 -9.99
CA VAL A 299 5.68 -19.09 -9.86
C VAL A 299 6.42 -18.87 -8.54
N GLU A 300 6.20 -19.80 -7.61
CA GLU A 300 6.76 -19.76 -6.27
C GLU A 300 8.24 -19.43 -6.24
N VAL A 301 8.57 -18.52 -5.33
CA VAL A 301 9.94 -18.26 -4.92
C VAL A 301 10.16 -19.03 -3.61
N ASN A 302 10.82 -20.18 -3.70
CA ASN A 302 10.91 -21.09 -2.58
C ASN A 302 12.32 -21.56 -2.29
N PRO A 303 12.89 -21.24 -1.14
CA PRO A 303 12.32 -20.36 -0.12
C PRO A 303 12.30 -18.90 -0.57
N PRO A 304 11.37 -18.13 -0.03
CA PRO A 304 11.24 -16.71 -0.38
C PRO A 304 12.56 -15.98 -0.28
N ALA A 305 12.93 -15.26 -1.34
CA ALA A 305 14.19 -14.52 -1.22
C ALA A 305 13.97 -13.22 -0.45
N PRO A 306 14.96 -12.91 0.37
CA PRO A 306 14.97 -11.64 1.12
C PRO A 306 15.08 -10.46 0.17
N PRO A 307 14.76 -9.25 0.62
CA PRO A 307 14.70 -8.08 -0.26
C PRO A 307 15.96 -7.86 -1.10
N VAL A 308 15.79 -7.51 -2.38
CA VAL A 308 16.99 -7.20 -3.17
C VAL A 308 17.01 -5.72 -3.51
N LYS A 309 18.04 -5.04 -3.01
CA LYS A 309 18.25 -3.61 -3.13
C LYS A 309 18.01 -3.19 -4.58
N ALA A 310 18.47 -4.00 -5.52
CA ALA A 310 18.26 -3.76 -6.94
C ALA A 310 16.82 -3.94 -7.37
N SER A 311 15.89 -3.25 -6.71
CA SER A 311 14.50 -3.36 -7.12
C SER A 311 13.85 -1.98 -7.20
N TRP A 312 12.93 -1.86 -8.14
CA TRP A 312 11.89 -0.86 -8.18
C TRP A 312 10.74 -1.35 -7.30
N VAL A 313 10.67 -0.91 -6.04
CA VAL A 313 9.50 -1.34 -5.27
C VAL A 313 8.47 -0.22 -5.19
N HIS A 314 7.20 -0.57 -5.35
CA HIS A 314 6.16 0.46 -5.41
C HIS A 314 4.80 -0.05 -4.97
N LYS A 315 3.86 0.89 -4.97
CA LYS A 315 2.48 0.54 -4.69
C LYS A 315 1.57 1.73 -5.01
N THR A 316 0.55 1.43 -5.80
CA THR A 316 -0.47 2.40 -6.19
C THR A 316 -1.67 2.29 -5.26
N GLY A 317 -2.52 3.31 -5.20
CA GLY A 317 -3.68 3.08 -4.35
C GLY A 317 -4.64 4.24 -4.39
N SER A 318 -5.94 3.95 -4.40
CA SER A 318 -6.93 5.02 -4.45
C SER A 318 -8.23 4.68 -3.74
N THR A 319 -9.02 5.73 -3.62
CA THR A 319 -10.37 5.79 -3.12
C THR A 319 -11.23 6.60 -4.10
N GLY A 320 -12.46 6.88 -3.72
CA GLY A 320 -13.39 7.65 -4.50
C GLY A 320 -12.71 8.90 -5.07
N GLY A 321 -12.32 9.81 -4.19
CA GLY A 321 -11.76 11.08 -4.60
C GLY A 321 -10.27 11.22 -4.44
N PHE A 322 -9.52 10.13 -4.22
CA PHE A 322 -8.08 10.32 -4.00
C PHE A 322 -7.26 9.39 -4.87
N GLY A 323 -6.05 9.82 -5.18
CA GLY A 323 -5.16 9.05 -6.02
C GLY A 323 -3.70 9.29 -5.65
N SER A 324 -3.05 8.22 -5.22
CA SER A 324 -1.67 8.30 -4.76
C SER A 324 -0.84 7.12 -5.26
N TYR A 325 0.46 7.28 -5.10
CA TYR A 325 1.47 6.38 -5.61
C TYR A 325 2.81 6.62 -4.94
N VAL A 326 3.56 5.56 -4.63
CA VAL A 326 4.87 5.72 -4.01
C VAL A 326 5.82 4.72 -4.64
N ALA A 327 7.09 5.12 -4.73
CA ALA A 327 8.07 4.22 -5.35
C ALA A 327 9.44 4.45 -4.75
N PHE A 328 10.30 3.44 -4.86
CA PHE A 328 11.68 3.55 -4.40
C PHE A 328 12.55 2.44 -5.02
N ILE A 329 13.84 2.72 -4.95
CA ILE A 329 14.96 1.95 -5.46
C ILE A 329 16.03 1.93 -4.37
N PRO A 330 16.00 0.90 -3.53
CA PRO A 330 16.84 0.88 -2.34
C PRO A 330 18.33 1.02 -2.65
N GLU A 331 18.73 0.41 -3.76
CA GLU A 331 20.11 0.37 -4.19
C GLU A 331 20.62 1.74 -4.62
N LYS A 332 19.67 2.58 -5.04
CA LYS A 332 19.92 3.93 -5.50
C LYS A 332 19.64 4.95 -4.40
N GLN A 333 18.99 4.49 -3.34
CA GLN A 333 18.66 5.37 -2.22
C GLN A 333 17.88 6.60 -2.68
N ILE A 334 17.02 6.41 -3.67
CA ILE A 334 16.14 7.44 -4.21
C ILE A 334 14.68 7.04 -4.18
N GLY A 335 13.80 8.01 -3.90
CA GLY A 335 12.38 7.67 -3.78
C GLY A 335 11.47 8.85 -4.02
N ILE A 336 10.18 8.55 -4.12
CA ILE A 336 9.15 9.55 -4.36
C ILE A 336 7.75 9.10 -3.91
N VAL A 337 7.01 10.07 -3.43
CA VAL A 337 5.65 10.10 -2.95
C VAL A 337 4.85 11.13 -3.75
N MET A 338 3.65 10.75 -4.18
CA MET A 338 2.74 11.61 -4.92
C MET A 338 1.32 11.41 -4.43
N LEU A 339 0.87 12.30 -3.56
CA LEU A 339 -0.50 12.23 -3.05
C LEU A 339 -1.36 13.25 -3.78
N ALA A 340 -2.60 12.90 -4.07
CA ALA A 340 -3.50 13.81 -4.78
C ALA A 340 -4.95 13.55 -4.43
N ASN A 341 -5.76 14.61 -4.42
CA ASN A 341 -7.16 14.47 -4.08
C ASN A 341 -8.03 14.37 -5.34
N THR A 342 -7.60 13.52 -6.24
CA THR A 342 -8.39 13.11 -7.39
C THR A 342 -7.84 11.78 -7.92
N SER A 343 -8.73 10.82 -8.04
CA SER A 343 -8.32 9.53 -8.59
C SER A 343 -8.15 9.65 -10.10
N TYR A 344 -6.92 9.69 -10.56
CA TYR A 344 -6.51 9.82 -11.96
C TYR A 344 -5.75 8.57 -12.38
N PRO A 345 -5.77 8.25 -13.65
CA PRO A 345 -5.13 7.06 -14.22
C PRO A 345 -3.82 6.62 -13.57
N ASN A 346 -3.82 5.38 -13.08
CA ASN A 346 -2.67 4.73 -12.50
C ASN A 346 -1.42 4.78 -13.37
N PRO A 347 -1.50 4.46 -14.66
CA PRO A 347 -0.26 4.48 -15.44
C PRO A 347 0.24 5.92 -15.61
N ALA A 348 -0.65 6.89 -15.51
CA ALA A 348 -0.25 8.29 -15.54
C ALA A 348 0.71 8.55 -14.38
N ARG A 349 0.30 8.00 -13.24
CA ARG A 349 1.06 8.06 -12.00
C ARG A 349 2.46 7.54 -12.16
N VAL A 350 2.61 6.30 -12.67
CA VAL A 350 3.96 5.74 -12.74
C VAL A 350 4.71 6.40 -13.91
N GLU A 351 3.95 6.87 -14.88
CA GLU A 351 4.52 7.68 -15.96
C GLU A 351 5.39 8.79 -15.37
N ALA A 352 4.78 9.65 -14.57
CA ALA A 352 5.40 10.74 -13.83
C ALA A 352 6.50 10.32 -12.87
N ALA A 353 6.21 9.37 -11.99
CA ALA A 353 7.22 9.01 -10.97
C ALA A 353 8.48 8.45 -11.60
N TYR A 354 8.35 7.63 -12.64
CA TYR A 354 9.54 7.11 -13.32
C TYR A 354 10.41 8.24 -13.86
N HIS A 355 9.88 9.10 -14.71
CA HIS A 355 10.60 10.25 -15.23
C HIS A 355 11.30 11.06 -14.14
N ILE A 356 10.56 11.41 -13.09
CA ILE A 356 11.14 12.23 -12.02
C ILE A 356 12.35 11.51 -11.41
N LEU A 357 12.19 10.20 -11.24
CA LEU A 357 13.26 9.42 -10.63
C LEU A 357 14.46 9.31 -11.55
N GLU A 358 14.21 9.13 -12.85
CA GLU A 358 15.32 8.96 -13.78
C GLU A 358 16.14 10.22 -13.89
N ALA A 359 15.58 11.38 -13.58
CA ALA A 359 16.34 12.63 -13.65
C ALA A 359 17.42 12.69 -12.57
N LEU A 360 17.41 11.74 -11.64
CA LEU A 360 18.32 11.72 -10.52
C LEU A 360 19.42 10.65 -10.67
N GLN A 361 19.37 9.87 -11.73
CA GLN A 361 20.32 8.79 -11.98
C GLN A 361 21.50 9.25 -12.83
#